data_7DF2
#
_entry.id   7DF2
#
_cell.length_a   62.916
_cell.length_b   62.916
_cell.length_c   100.499
_cell.angle_alpha   90.000
_cell.angle_beta   90.000
_cell.angle_gamma   90.000
#
_symmetry.space_group_name_H-M   'P 41 21 2'
#
loop_
_entity.id
_entity.type
_entity.pdbx_description
1 polymer 'C2 domain protein'
2 branched beta-D-glucopyranose-(1-1)-alpha-D-glucopyranose
3 non-polymer 'CALCIUM ION'
4 water water
#
_entity_poly.entity_id   1
_entity_poly.type   'polypeptide(L)'
_entity_poly.pdbx_seq_one_letter_code
;MGSSHHHHHHHSSENLYFQGLIDRGQDLADVAKYPLITGFFRIEMNVVRLDTQGKSHTGLPCDIFDKCDPKIIAFIDTEK
PNNDFGGDSVPYSNYITLVDANNTPDVVEIDKTISRDVCGKGVRKIAMRVRAIDKDGLNDDKIDNYKCHITGERNPPAEN
EKVAQWSPEIACAGEDRASSKVYLRYRWYNIPESTCRPSSNGQGLFSGLFSR
;
_entity_poly.pdbx_strand_id   A
#
loop_
_chem_comp.id
_chem_comp.type
_chem_comp.name
_chem_comp.formula
BGC D-saccharide, beta linking beta-D-glucopyranose 'C6 H12 O6'
CA non-polymer 'CALCIUM ION' 'Ca 2'
GLC D-saccharide, alpha linking alpha-D-glucopyranose 'C6 H12 O6'
#
# COMPACT_ATOMS: atom_id res chain seq x y z
N TYR A 34 -6.90 -10.79 -16.40
CA TYR A 34 -6.19 -11.44 -15.31
C TYR A 34 -7.00 -12.58 -14.71
N PRO A 35 -6.33 -13.68 -14.36
CA PRO A 35 -7.06 -14.86 -13.89
C PRO A 35 -7.72 -14.65 -12.54
N LEU A 36 -8.86 -15.32 -12.36
CA LEU A 36 -9.57 -15.26 -11.09
C LEU A 36 -8.88 -16.16 -10.07
N ILE A 37 -8.47 -15.57 -8.95
CA ILE A 37 -7.82 -16.28 -7.85
C ILE A 37 -8.87 -16.54 -6.79
N THR A 38 -9.16 -17.81 -6.51
CA THR A 38 -10.17 -18.16 -5.53
C THR A 38 -9.57 -19.12 -4.51
N GLY A 39 -10.27 -19.24 -3.38
CA GLY A 39 -9.81 -20.06 -2.31
C GLY A 39 -9.67 -19.22 -1.07
N PHE A 40 -8.84 -19.68 -0.14
CA PHE A 40 -8.59 -18.99 1.11
C PHE A 40 -7.10 -18.70 1.16
N PHE A 41 -6.74 -17.41 1.16
CA PHE A 41 -5.32 -17.10 1.11
C PHE A 41 -5.08 -15.78 1.83
N ARG A 42 -3.82 -15.55 2.15
CA ARG A 42 -3.38 -14.40 2.92
C ARG A 42 -2.43 -13.60 2.04
N ILE A 43 -2.55 -12.27 2.10
CA ILE A 43 -1.68 -11.36 1.38
C ILE A 43 -0.90 -10.55 2.40
N GLU A 44 0.42 -10.51 2.25
CA GLU A 44 1.28 -9.65 3.05
C GLU A 44 1.81 -8.53 2.18
N MET A 45 1.75 -7.31 2.69
CA MET A 45 2.22 -6.13 1.99
C MET A 45 3.32 -5.48 2.82
N ASN A 46 4.52 -5.43 2.27
CA ASN A 46 5.69 -4.87 2.94
C ASN A 46 5.98 -3.52 2.31
N VAL A 47 5.85 -2.46 3.10
CA VAL A 47 6.19 -1.11 2.64
C VAL A 47 7.64 -0.88 3.00
N VAL A 48 8.51 -0.87 1.98
CA VAL A 48 9.95 -0.88 2.22
C VAL A 48 10.45 0.51 2.53
N ARG A 49 10.17 1.46 1.64
N ARG A 49 10.21 1.46 1.62
CA ARG A 49 10.61 2.84 1.84
CA ARG A 49 10.65 2.83 1.79
C ARG A 49 9.79 3.74 0.93
C ARG A 49 9.81 3.73 0.90
N LEU A 50 9.85 5.04 1.23
N LEU A 50 9.85 5.03 1.19
CA LEU A 50 9.09 6.05 0.51
CA LEU A 50 9.07 6.03 0.48
C LEU A 50 10.03 7.18 0.17
C LEU A 50 9.97 7.21 0.17
N ASP A 51 10.13 7.51 -1.12
CA ASP A 51 10.94 8.65 -1.59
C ASP A 51 9.98 9.78 -1.90
N THR A 52 9.85 10.72 -0.96
CA THR A 52 9.02 11.91 -1.17
C THR A 52 9.71 12.92 -2.08
N GLN A 53 11.02 12.80 -2.27
CA GLN A 53 11.85 13.81 -2.92
C GLN A 53 11.74 15.18 -2.23
N GLY A 54 11.25 15.18 -1.00
CA GLY A 54 11.04 16.41 -0.26
C GLY A 54 9.89 17.26 -0.72
N LYS A 55 8.97 16.72 -1.52
CA LYS A 55 7.99 17.54 -2.20
C LYS A 55 6.56 17.06 -1.95
N SER A 56 5.65 18.03 -1.93
CA SER A 56 4.22 17.79 -1.98
C SER A 56 3.82 17.42 -3.40
N HIS A 57 2.56 17.00 -3.58
CA HIS A 57 2.13 16.55 -4.90
C HIS A 57 2.17 17.69 -5.93
N THR A 58 2.15 18.95 -5.49
CA THR A 58 2.28 20.08 -6.41
C THR A 58 3.68 20.26 -6.97
N GLY A 59 4.68 19.61 -6.38
CA GLY A 59 6.05 19.90 -6.71
C GLY A 59 6.72 20.94 -5.83
N LEU A 60 5.95 21.66 -5.00
CA LEU A 60 6.52 22.51 -3.98
C LEU A 60 7.17 21.65 -2.89
N PRO A 61 8.13 22.20 -2.16
CA PRO A 61 8.62 21.47 -0.98
C PRO A 61 7.50 21.30 0.02
N CYS A 62 7.57 20.21 0.79
CA CYS A 62 6.57 19.99 1.84
C CYS A 62 6.43 21.20 2.73
N ASP A 63 7.56 21.66 3.28
CA ASP A 63 7.64 22.85 4.12
C ASP A 63 8.74 23.74 3.59
N ILE A 64 8.67 25.03 3.91
CA ILE A 64 9.64 25.95 3.32
C ILE A 64 11.00 25.88 4.02
N PHE A 65 11.01 25.78 5.35
CA PHE A 65 12.25 25.90 6.11
C PHE A 65 12.68 24.62 6.80
N ASP A 66 11.92 23.53 6.67
CA ASP A 66 12.36 22.27 7.22
C ASP A 66 11.79 21.14 6.37
N LYS A 67 12.05 19.89 6.79
CA LYS A 67 11.77 18.73 5.96
C LYS A 67 10.32 18.25 6.12
N CYS A 68 9.95 17.24 5.32
N CYS A 68 9.99 17.22 5.36
CA CYS A 68 8.59 16.74 5.38
CA CYS A 68 8.67 16.61 5.38
C CYS A 68 8.34 16.06 6.72
C CYS A 68 8.36 16.04 6.75
N ASP A 69 7.07 16.07 7.15
CA ASP A 69 6.62 15.47 8.40
C ASP A 69 5.63 14.37 8.06
N PRO A 70 6.11 13.23 7.58
CA PRO A 70 5.24 12.29 6.89
C PRO A 70 4.38 11.49 7.86
N LYS A 71 3.09 11.40 7.52
CA LYS A 71 2.20 10.38 8.05
C LYS A 71 1.89 9.46 6.87
N ILE A 72 2.25 8.19 6.98
CA ILE A 72 2.16 7.26 5.87
C ILE A 72 1.24 6.13 6.30
N ILE A 73 0.21 5.87 5.51
CA ILE A 73 -0.81 4.87 5.85
C ILE A 73 -0.97 3.91 4.67
N ALA A 74 -1.38 2.68 4.98
CA ALA A 74 -1.42 1.61 3.98
C ALA A 74 -2.64 0.73 4.16
N PHE A 75 -3.04 0.09 3.07
CA PHE A 75 -4.20 -0.80 3.07
C PHE A 75 -4.08 -1.79 1.91
N ILE A 76 -4.46 -3.04 2.14
CA ILE A 76 -4.55 -4.05 1.08
C ILE A 76 -6.00 -4.06 0.62
N ASP A 77 -6.25 -3.59 -0.62
CA ASP A 77 -7.62 -3.40 -1.12
C ASP A 77 -8.01 -4.61 -1.98
N THR A 78 -8.73 -5.54 -1.38
CA THR A 78 -9.17 -6.74 -2.10
C THR A 78 -10.52 -6.55 -2.79
N GLU A 79 -11.17 -5.41 -2.62
CA GLU A 79 -12.55 -5.23 -3.05
C GLU A 79 -12.75 -4.19 -4.14
N LYS A 80 -12.04 -3.06 -4.09
CA LYS A 80 -12.28 -1.95 -5.02
C LYS A 80 -11.00 -1.46 -5.70
N PRO A 81 -10.24 -2.36 -6.33
CA PRO A 81 -8.90 -1.99 -6.81
C PRO A 81 -8.90 -0.95 -7.91
N ASN A 82 -10.01 -0.79 -8.62
CA ASN A 82 -10.07 0.16 -9.72
C ASN A 82 -10.72 1.48 -9.33
N ASN A 83 -11.21 1.59 -8.10
CA ASN A 83 -11.92 2.80 -7.69
C ASN A 83 -10.95 3.86 -7.19
N ASP A 84 -11.44 5.10 -7.17
CA ASP A 84 -10.63 6.23 -6.76
C ASP A 84 -10.18 6.08 -5.31
N PHE A 85 -9.05 6.71 -4.99
CA PHE A 85 -8.63 6.82 -3.59
C PHE A 85 -9.69 7.57 -2.79
N GLY A 86 -9.84 7.19 -1.53
CA GLY A 86 -10.86 7.77 -0.70
C GLY A 86 -12.11 6.92 -0.62
N GLY A 87 -13.26 7.57 -0.41
CA GLY A 87 -14.48 6.85 -0.09
C GLY A 87 -14.95 5.90 -1.18
N ASP A 88 -14.54 6.14 -2.44
CA ASP A 88 -14.95 5.25 -3.52
C ASP A 88 -14.36 3.85 -3.38
N SER A 89 -13.24 3.72 -2.68
CA SER A 89 -12.61 2.41 -2.49
C SER A 89 -12.59 2.01 -1.02
N VAL A 90 -11.90 2.77 -0.19
CA VAL A 90 -11.81 2.53 1.24
C VAL A 90 -11.48 3.84 1.94
N PRO A 91 -12.24 4.24 2.95
CA PRO A 91 -11.95 5.51 3.64
C PRO A 91 -10.57 5.48 4.27
N TYR A 92 -9.90 6.63 4.23
CA TYR A 92 -8.53 6.72 4.76
C TYR A 92 -8.48 6.32 6.23
N SER A 93 -9.58 6.54 6.97
CA SER A 93 -9.61 6.14 8.38
C SER A 93 -9.47 4.63 8.57
N ASN A 94 -9.68 3.83 7.54
CA ASN A 94 -9.52 2.39 7.65
C ASN A 94 -8.13 1.90 7.29
N TYR A 95 -7.26 2.77 6.78
CA TYR A 95 -5.89 2.38 6.52
C TYR A 95 -5.14 2.14 7.83
N ILE A 96 -4.02 1.44 7.74
CA ILE A 96 -3.13 1.21 8.88
C ILE A 96 -2.02 2.25 8.85
N THR A 97 -1.80 2.95 9.97
CA THR A 97 -0.71 3.92 10.04
C THR A 97 0.62 3.20 10.24
N LEU A 98 1.57 3.43 9.33
CA LEU A 98 2.90 2.85 9.40
C LEU A 98 3.95 3.81 9.93
N VAL A 99 3.86 5.09 9.57
CA VAL A 99 4.83 6.10 9.94
C VAL A 99 4.05 7.34 10.37
N ASP A 100 4.47 7.97 11.46
CA ASP A 100 3.90 9.27 11.86
C ASP A 100 5.05 10.07 12.47
N ALA A 101 5.77 10.81 11.64
CA ALA A 101 7.08 11.33 12.01
C ALA A 101 7.23 12.78 11.60
N ASN A 102 8.34 13.38 12.06
CA ASN A 102 8.61 14.79 11.85
C ASN A 102 10.00 15.02 11.29
N ASN A 103 10.06 15.91 10.29
CA ASN A 103 11.30 16.37 9.66
C ASN A 103 12.22 15.20 9.29
N THR A 104 11.70 14.32 8.46
CA THR A 104 12.43 13.12 8.06
C THR A 104 13.25 13.39 6.81
N PRO A 105 14.25 12.56 6.53
CA PRO A 105 14.93 12.64 5.23
C PRO A 105 13.95 12.41 4.10
N ASP A 106 14.34 12.87 2.91
CA ASP A 106 13.45 12.73 1.76
C ASP A 106 13.12 11.27 1.45
N VAL A 107 14.09 10.38 1.67
CA VAL A 107 13.86 8.94 1.56
C VAL A 107 13.61 8.40 2.96
N VAL A 108 12.40 7.94 3.20
CA VAL A 108 11.98 7.45 4.51
C VAL A 108 12.08 5.92 4.48
N GLU A 109 12.97 5.37 5.30
CA GLU A 109 13.06 3.92 5.44
C GLU A 109 11.99 3.43 6.39
N ILE A 110 11.21 2.44 5.96
CA ILE A 110 9.96 2.10 6.66
C ILE A 110 9.98 0.66 7.13
N ASP A 111 10.05 -0.29 6.18
CA ASP A 111 10.01 -1.74 6.43
C ASP A 111 8.97 -2.13 7.48
N LYS A 112 7.72 -1.74 7.23
CA LYS A 112 6.59 -2.24 8.01
C LYS A 112 5.71 -3.10 7.12
N THR A 113 4.93 -3.99 7.74
CA THR A 113 4.19 -4.98 6.99
C THR A 113 2.78 -5.12 7.54
N ILE A 114 1.79 -5.22 6.65
CA ILE A 114 0.40 -5.49 7.03
C ILE A 114 -0.08 -6.70 6.24
N SER A 115 -1.16 -7.32 6.71
CA SER A 115 -1.70 -8.44 5.96
C SER A 115 -3.22 -8.45 6.00
N ARG A 116 -3.80 -9.17 5.04
CA ARG A 116 -5.23 -9.29 4.89
C ARG A 116 -5.54 -10.59 4.18
N ASP A 117 -6.68 -11.19 4.51
CA ASP A 117 -7.06 -12.49 3.97
C ASP A 117 -8.21 -12.36 2.99
N VAL A 118 -8.27 -13.30 2.05
CA VAL A 118 -9.39 -13.48 1.15
C VAL A 118 -10.01 -14.82 1.50
N CYS A 119 -11.30 -14.84 1.82
CA CYS A 119 -11.92 -16.02 2.41
C CYS A 119 -13.06 -16.55 1.53
N GLY A 120 -12.68 -17.25 0.45
CA GLY A 120 -13.64 -17.95 -0.37
C GLY A 120 -14.14 -17.15 -1.55
N LYS A 121 -13.95 -15.84 -1.54
N LYS A 121 -13.94 -15.84 -1.55
CA LYS A 121 -14.27 -15.04 -2.70
CA LYS A 121 -14.27 -15.03 -2.70
C LYS A 121 -13.18 -15.23 -3.76
C LYS A 121 -13.16 -15.14 -3.74
N GLY A 122 -13.50 -14.80 -4.97
CA GLY A 122 -12.55 -14.81 -6.08
C GLY A 122 -12.16 -13.37 -6.38
N VAL A 123 -10.88 -13.17 -6.65
N VAL A 123 -10.88 -13.15 -6.64
CA VAL A 123 -10.32 -11.85 -6.92
CA VAL A 123 -10.40 -11.83 -7.05
C VAL A 123 -9.40 -11.95 -8.13
C VAL A 123 -9.48 -11.98 -8.27
N ARG A 124 -9.48 -10.95 -9.01
N ARG A 124 -9.46 -10.94 -9.09
CA ARG A 124 -8.56 -10.85 -10.14
CA ARG A 124 -8.54 -10.84 -10.20
C ARG A 124 -7.42 -9.87 -9.91
C ARG A 124 -7.44 -9.82 -9.98
N LYS A 125 -7.67 -8.81 -9.15
CA LYS A 125 -6.71 -7.76 -8.88
C LYS A 125 -6.81 -7.34 -7.42
N ILE A 126 -5.68 -7.21 -6.75
CA ILE A 126 -5.64 -6.67 -5.40
C ILE A 126 -4.77 -5.43 -5.42
N ALA A 127 -5.30 -4.33 -4.91
CA ALA A 127 -4.61 -3.04 -4.96
C ALA A 127 -3.91 -2.80 -3.63
N MET A 128 -2.58 -2.76 -3.67
CA MET A 128 -1.82 -2.23 -2.55
C MET A 128 -1.93 -0.71 -2.58
N ARG A 129 -2.46 -0.12 -1.52
CA ARG A 129 -2.73 1.32 -1.46
C ARG A 129 -1.87 1.94 -0.37
N VAL A 130 -1.21 3.06 -0.70
CA VAL A 130 -0.46 3.83 0.28
C VAL A 130 -0.82 5.30 0.10
N ARG A 131 -1.01 6.00 1.21
CA ARG A 131 -1.17 7.44 1.16
C ARG A 131 -0.16 8.10 2.08
N ALA A 132 0.51 9.12 1.57
CA ALA A 132 1.48 9.87 2.35
C ALA A 132 1.07 11.33 2.37
N ILE A 133 1.04 11.93 3.56
CA ILE A 133 0.80 13.37 3.69
C ILE A 133 1.89 13.94 4.57
N ASP A 134 2.14 15.23 4.38
CA ASP A 134 2.99 16.01 5.27
C ASP A 134 2.08 16.68 6.29
N LYS A 135 2.35 16.45 7.58
N LYS A 135 2.35 16.44 7.58
CA LYS A 135 1.55 17.09 8.61
CA LYS A 135 1.55 17.09 8.61
C LYS A 135 1.91 18.56 8.71
C LYS A 135 1.92 18.56 8.70
N ASP A 136 0.90 19.42 8.70
CA ASP A 136 1.04 20.86 8.93
C ASP A 136 0.15 21.19 10.12
N GLY A 137 0.55 20.75 11.30
CA GLY A 137 -0.30 20.87 12.47
C GLY A 137 -1.61 20.14 12.27
N LEU A 138 -2.72 20.87 12.36
CA LEU A 138 -4.04 20.28 12.18
C LEU A 138 -4.37 19.97 10.73
N ASN A 139 -3.55 20.43 9.78
CA ASN A 139 -3.89 20.34 8.37
C ASN A 139 -2.94 19.39 7.66
N ASP A 140 -3.48 18.71 6.65
CA ASP A 140 -2.74 17.75 5.84
C ASP A 140 -2.24 18.44 4.59
N ASP A 141 -1.04 18.05 4.15
CA ASP A 141 -0.39 18.59 2.95
C ASP A 141 -0.05 17.35 2.13
N LYS A 142 -0.83 17.06 1.08
CA LYS A 142 -0.72 15.76 0.41
C LYS A 142 0.64 15.60 -0.27
N ILE A 143 1.30 14.47 0.01
CA ILE A 143 2.49 14.07 -0.73
C ILE A 143 2.02 13.30 -1.95
N ASP A 144 1.42 12.13 -1.75
CA ASP A 144 0.81 11.43 -2.86
C ASP A 144 0.00 10.24 -2.37
N ASN A 145 -0.83 9.71 -3.28
CA ASN A 145 -1.42 8.39 -3.19
C ASN A 145 -0.67 7.47 -4.15
N TYR A 146 -0.48 6.21 -3.74
CA TYR A 146 0.26 5.23 -4.52
C TYR A 146 -0.58 3.96 -4.60
N LYS A 147 -0.73 3.40 -5.80
CA LYS A 147 -1.49 2.17 -5.97
C LYS A 147 -0.73 1.24 -6.91
N CYS A 148 -0.58 0.00 -6.47
N CYS A 148 -0.54 0.00 -6.49
CA CYS A 148 0.14 -1.06 -7.16
CA CYS A 148 0.11 -0.99 -7.35
C CYS A 148 -0.74 -2.31 -7.13
C CYS A 148 -0.56 -2.35 -7.15
N HIS A 149 -0.90 -2.97 -8.27
CA HIS A 149 -1.79 -4.13 -8.31
C HIS A 149 -1.05 -5.45 -8.19
N ILE A 150 -1.63 -6.37 -7.44
CA ILE A 150 -1.22 -7.77 -7.42
C ILE A 150 -2.16 -8.52 -8.34
N THR A 151 -1.60 -9.29 -9.28
CA THR A 151 -2.37 -10.15 -10.15
C THR A 151 -1.69 -11.52 -10.19
N GLY A 152 -2.44 -12.53 -10.63
CA GLY A 152 -2.04 -13.91 -10.42
C GLY A 152 -1.61 -14.73 -11.61
N GLU A 153 -1.36 -14.11 -12.77
CA GLU A 153 -1.01 -14.90 -13.95
C GLU A 153 0.38 -15.52 -13.80
N ARG A 154 1.39 -14.71 -13.50
CA ARG A 154 2.75 -15.24 -13.38
C ARG A 154 2.99 -15.89 -12.03
N ASN A 155 2.52 -15.25 -10.96
CA ASN A 155 2.92 -15.58 -9.59
C ASN A 155 1.66 -15.73 -8.76
N PRO A 156 0.95 -16.86 -8.87
CA PRO A 156 -0.26 -17.08 -8.06
C PRO A 156 0.11 -17.35 -6.62
N PRO A 157 -0.87 -17.36 -5.71
CA PRO A 157 -0.57 -17.64 -4.30
C PRO A 157 0.21 -18.93 -4.13
N ALA A 158 1.20 -18.91 -3.25
CA ALA A 158 2.00 -20.08 -2.97
C ALA A 158 1.19 -21.10 -2.16
N GLU A 159 1.76 -22.31 -2.04
CA GLU A 159 1.04 -23.41 -1.39
C GLU A 159 0.77 -23.12 0.09
N ASN A 160 1.70 -22.47 0.77
CA ASN A 160 1.54 -22.20 2.19
C ASN A 160 2.52 -21.12 2.59
N GLU A 161 2.41 -20.69 3.86
CA GLU A 161 3.26 -19.60 4.37
C GLU A 161 4.74 -19.94 4.28
N LYS A 162 5.09 -21.19 4.54
CA LYS A 162 6.51 -21.49 4.69
C LYS A 162 7.25 -21.46 3.35
N VAL A 163 6.55 -21.71 2.25
CA VAL A 163 7.17 -21.71 0.93
C VAL A 163 6.91 -20.42 0.15
N ALA A 164 6.10 -19.51 0.68
CA ALA A 164 5.75 -18.30 -0.05
C ALA A 164 6.94 -17.35 -0.14
N GLN A 165 7.23 -16.86 -1.35
CA GLN A 165 8.39 -16.02 -1.60
C GLN A 165 7.94 -14.56 -1.75
N TRP A 166 8.73 -13.65 -1.18
CA TRP A 166 8.50 -12.23 -1.39
C TRP A 166 8.72 -11.86 -2.85
N SER A 167 7.87 -10.98 -3.36
CA SER A 167 8.11 -10.40 -4.66
C SER A 167 9.39 -9.57 -4.62
N PRO A 168 9.95 -9.23 -5.77
CA PRO A 168 10.98 -8.20 -5.80
C PRO A 168 10.41 -6.88 -5.33
N GLU A 169 11.30 -5.98 -4.93
N GLU A 169 11.30 -5.95 -5.02
CA GLU A 169 10.85 -4.62 -4.62
CA GLU A 169 10.91 -4.60 -4.63
C GLU A 169 10.19 -4.03 -5.85
C GLU A 169 10.28 -3.87 -5.81
N ILE A 170 9.04 -3.41 -5.64
CA ILE A 170 8.27 -2.76 -6.72
C ILE A 170 8.30 -1.26 -6.50
N ALA A 171 8.69 -0.51 -7.52
CA ALA A 171 8.78 0.95 -7.44
C ALA A 171 7.45 1.53 -7.86
N CYS A 172 6.61 1.82 -6.88
CA CYS A 172 5.22 2.20 -7.13
C CYS A 172 5.12 3.71 -7.26
N ALA A 173 4.72 4.19 -8.44
CA ALA A 173 4.74 5.62 -8.70
C ALA A 173 3.56 6.35 -8.07
N GLY A 174 3.82 7.59 -7.62
CA GLY A 174 2.72 8.41 -7.12
C GLY A 174 1.73 8.75 -8.22
N GLU A 175 0.45 8.87 -7.83
CA GLU A 175 -0.58 9.18 -8.81
C GLU A 175 -0.45 10.60 -9.34
N ASP A 176 -0.04 11.54 -8.50
CA ASP A 176 0.12 12.94 -8.88
C ASP A 176 1.51 13.28 -9.39
N ARG A 177 2.55 12.76 -8.73
N ARG A 177 2.55 12.76 -8.74
CA ARG A 177 3.94 12.95 -9.17
CA ARG A 177 3.95 12.95 -9.16
C ARG A 177 4.55 11.57 -9.31
C ARG A 177 4.57 11.56 -9.31
N ALA A 178 4.66 11.09 -10.55
CA ALA A 178 5.18 9.75 -10.80
C ALA A 178 6.64 9.60 -10.36
N SER A 179 7.39 10.70 -10.20
CA SER A 179 8.77 10.56 -9.76
C SER A 179 8.88 10.30 -8.26
N SER A 180 7.79 10.50 -7.51
CA SER A 180 7.73 10.04 -6.12
C SER A 180 7.35 8.57 -6.13
N LYS A 181 8.09 7.76 -5.38
N LYS A 181 8.09 7.75 -5.38
CA LYS A 181 7.89 6.32 -5.39
CA LYS A 181 7.91 6.31 -5.40
C LYS A 181 7.79 5.79 -3.97
C LYS A 181 7.81 5.77 -3.98
N VAL A 182 6.87 4.84 -3.77
CA VAL A 182 6.89 3.97 -2.60
C VAL A 182 7.34 2.61 -3.08
N TYR A 183 8.28 2.01 -2.36
CA TYR A 183 8.82 0.72 -2.76
C TYR A 183 8.10 -0.34 -1.95
N LEU A 184 7.52 -1.31 -2.66
CA LEU A 184 6.64 -2.31 -2.06
C LEU A 184 7.13 -3.72 -2.37
N ARG A 185 6.79 -4.65 -1.48
CA ARG A 185 6.90 -6.08 -1.78
C ARG A 185 5.63 -6.76 -1.29
N TYR A 186 5.30 -7.89 -1.90
CA TYR A 186 4.16 -8.64 -1.39
C TYR A 186 4.47 -10.13 -1.41
N ARG A 187 3.71 -10.88 -0.62
N ARG A 187 3.73 -10.84 -0.56
CA ARG A 187 3.70 -12.32 -0.80
CA ARG A 187 3.66 -12.30 -0.53
C ARG A 187 2.32 -12.80 -0.41
C ARG A 187 2.18 -12.69 -0.53
N TRP A 188 1.88 -13.87 -1.06
CA TRP A 188 0.54 -14.40 -0.82
C TRP A 188 0.58 -15.92 -0.94
N TYR A 189 -0.30 -16.55 -0.19
CA TYR A 189 -0.23 -18.00 -0.02
C TYR A 189 -1.56 -18.50 0.53
N ASN A 190 -1.88 -19.73 0.15
CA ASN A 190 -3.08 -20.37 0.67
C ASN A 190 -2.94 -20.64 2.15
N ILE A 191 -4.05 -20.52 2.86
CA ILE A 191 -4.14 -20.80 4.29
C ILE A 191 -5.35 -21.69 4.51
N PRO A 192 -5.39 -22.49 5.58
CA PRO A 192 -6.59 -23.29 5.85
C PRO A 192 -7.79 -22.38 6.08
N GLU A 193 -8.96 -22.84 5.62
CA GLU A 193 -10.17 -22.05 5.75
C GLU A 193 -10.43 -21.64 7.20
N SER A 194 -10.13 -22.53 8.15
CA SER A 194 -10.42 -22.26 9.56
C SER A 194 -9.65 -21.04 10.07
N THR A 195 -8.52 -20.72 9.45
CA THR A 195 -7.65 -19.64 9.91
C THR A 195 -7.89 -18.34 9.17
N CYS A 196 -8.87 -18.30 8.27
CA CYS A 196 -9.07 -17.13 7.43
C CYS A 196 -9.82 -16.05 8.19
N ARG A 197 -9.29 -14.80 8.19
CA ARG A 197 -9.88 -13.75 9.01
C ARG A 197 -10.85 -12.92 8.18
N PRO A 198 -12.07 -12.69 8.65
CA PRO A 198 -12.97 -11.77 7.93
C PRO A 198 -12.45 -10.34 7.96
N SER A 199 -12.84 -9.57 6.95
CA SER A 199 -12.37 -8.20 6.79
C SER A 199 -13.36 -7.46 5.89
N SER A 200 -13.23 -6.13 5.88
CA SER A 200 -14.06 -5.29 5.04
C SER A 200 -13.31 -4.01 4.70
N ASN A 201 -13.58 -3.48 3.51
CA ASN A 201 -13.12 -2.13 3.20
C ASN A 201 -13.85 -1.09 4.02
N GLY A 202 -14.99 -1.45 4.62
CA GLY A 202 -15.80 -0.51 5.39
C GLY A 202 -16.15 0.73 4.59
N GLN A 203 -16.92 0.54 3.52
CA GLN A 203 -17.24 1.52 2.46
C GLN A 203 -16.17 1.49 1.37
C1 GLC B . 19.26 -1.30 2.49
C2 GLC B . 19.26 0.17 2.06
C3 GLC B . 17.86 0.76 2.03
C4 GLC B . 16.85 -0.19 1.39
C5 GLC B . 17.08 -1.62 1.87
C6 GLC B . 16.12 -2.60 1.21
O2 GLC B . 20.12 0.95 2.87
O3 GLC B . 17.86 1.99 1.32
O4 GLC B . 15.51 0.21 1.65
O5 GLC B . 18.42 -2.00 1.62
O6 GLC B . 15.64 -3.48 2.19
C2 BGC B . 18.90 -2.05 6.09
C3 BGC B . 19.43 -1.12 7.14
C4 BGC B . 20.92 -1.43 7.32
C5 BGC B . 21.67 -1.67 5.98
C6 BGC B . 22.86 -2.59 6.25
C1 BGC B . 19.61 -1.47 4.90
O1 BGC B . 18.72 -1.54 3.81
O2 BGC B . 17.49 -1.98 5.97
O3 BGC B . 18.66 -1.22 8.32
O4 BGC B . 21.50 -0.35 8.00
O5 BGC B . 20.87 -2.14 4.89
O6 BGC B . 23.45 -3.01 5.03
CA CA C . 3.67 21.59 4.51
CA CA D . 4.84 19.98 7.57
CA CA E . 8.64 19.91 8.73
#